data_6PDO
#
_entry.id   6PDO
#
_cell.length_a   96.034
_cell.length_b   96.034
_cell.length_c   79.859
_cell.angle_alpha   90.000
_cell.angle_beta   90.000
_cell.angle_gamma   120.000
#
_symmetry.space_group_name_H-M   'P 65'
#
loop_
_entity.id
_entity.type
_entity.pdbx_description
1 polymer 'Serine/threonine-protein kinase pim-1'
2 polymer Peptide
3 non-polymer 4-{5-[(3-aminopropyl)carbamoyl]thiophen-2-yl}-1-benzothiophene-2-carboxamide
4 water water
#
loop_
_entity_poly.entity_id
_entity_poly.type
_entity_poly.pdbx_seq_one_letter_code
_entity_poly.pdbx_strand_id
1 'polypeptide(L)'
;SMLLSKINSLAHLRAAPCNDLHATKLAPGKEKEPLESQYQVGPLLGSGGFGSVYSGIRVSDNLPVAIKHVEKDRISDWGE
LPNGTRVPMEVVLLKKVSSGFSGVIRLLDWFERPDSFVLILERPEPVQDLFDFITERGALQEELARSFFWQVLEAVRHCH
NCGVLHRDIKDENILIDLNRGELKLIDFGSGALLKDTVYTDFDGTRVYSPPEWIRYHRYHGRSAAVWSLGILLYDMVCGD
IPFEHDEEIIGGQVFFRQRVSSECQHLIRWCLALRPSDRPTFEEIQNHPWMQDVLLPQETAEIHLHSLSPGPS
;
A
2 'polypeptide(L)' ARKRRRHPSGPPTA B
#
# COMPACT_ATOMS: atom_id res chain seq x y z
N GLU A 36 0.69 20.27 19.88
CA GLU A 36 1.08 21.69 19.61
C GLU A 36 2.43 21.98 20.28
N SER A 37 2.58 21.59 21.55
CA SER A 37 3.80 21.79 22.39
C SER A 37 4.67 20.52 22.39
N GLN A 38 4.05 19.35 22.19
CA GLN A 38 4.74 18.03 22.21
C GLN A 38 5.50 17.85 20.89
N TYR A 39 4.98 18.42 19.79
CA TYR A 39 5.59 18.39 18.43
C TYR A 39 5.64 19.81 17.85
N GLN A 40 6.73 20.14 17.15
CA GLN A 40 6.84 21.34 16.27
C GLN A 40 6.24 20.96 14.91
N VAL A 41 5.24 21.71 14.46
CA VAL A 41 4.55 21.52 13.14
C VAL A 41 5.40 22.21 12.07
N GLY A 42 5.63 21.53 10.94
CA GLY A 42 6.31 22.07 9.76
C GLY A 42 5.33 22.37 8.63
N PRO A 43 5.82 22.51 7.38
CA PRO A 43 4.94 22.72 6.24
C PRO A 43 4.26 21.42 5.76
N LEU A 44 3.25 21.57 4.91
CA LEU A 44 2.42 20.50 4.30
C LEU A 44 3.30 19.56 3.46
N LEU A 45 2.86 18.32 3.27
CA LEU A 45 3.47 17.28 2.38
C LEU A 45 2.49 16.92 1.26
N GLY A 46 1.34 16.33 1.61
CA GLY A 46 0.27 15.91 0.67
C GLY A 46 -1.10 15.95 1.32
N SER A 47 -2.17 15.92 0.51
CA SER A 47 -3.59 16.00 0.94
C SER A 47 -4.35 14.75 0.48
N SER A 52 -4.68 15.38 4.82
CA SER A 52 -3.80 16.55 5.10
C SER A 52 -2.66 16.13 6.02
N VAL A 53 -1.44 16.01 5.50
CA VAL A 53 -0.25 15.48 6.25
C VAL A 53 0.85 16.56 6.22
N TYR A 54 1.40 16.89 7.39
CA TYR A 54 2.44 17.94 7.56
C TYR A 54 3.72 17.30 8.08
N SER A 55 4.87 17.91 7.77
CA SER A 55 6.20 17.57 8.35
C SER A 55 6.19 17.99 9.82
N GLY A 56 6.77 17.16 10.69
CA GLY A 56 6.82 17.44 12.13
C GLY A 56 8.13 16.97 12.74
N ILE A 57 8.45 17.51 13.91
CA ILE A 57 9.59 17.06 14.77
C ILE A 57 9.02 16.83 16.16
N ARG A 58 9.30 15.67 16.77
CA ARG A 58 8.97 15.43 18.19
C ARG A 58 9.96 16.21 19.07
N VAL A 59 9.45 17.14 19.86
CA VAL A 59 10.25 18.02 20.78
C VAL A 59 11.07 17.12 21.71
N SER A 60 10.44 16.06 22.26
CA SER A 60 11.08 15.03 23.13
C SER A 60 12.53 14.77 22.69
N ASP A 61 12.74 14.16 21.51
CA ASP A 61 14.07 13.63 21.07
C ASP A 61 14.41 14.09 19.65
N ASN A 62 13.69 15.05 19.09
CA ASN A 62 13.93 15.63 17.73
C ASN A 62 13.76 14.55 16.65
N LEU A 63 12.86 13.58 16.87
CA LEU A 63 12.52 12.51 15.89
C LEU A 63 11.65 13.11 14.79
N PRO A 64 11.95 12.82 13.51
CA PRO A 64 11.10 13.27 12.41
C PRO A 64 9.78 12.48 12.40
N VAL A 65 8.65 13.21 12.39
CA VAL A 65 7.28 12.63 12.38
C VAL A 65 6.49 13.22 11.21
N ALA A 66 5.37 12.59 10.89
CA ALA A 66 4.33 13.07 9.98
C ALA A 66 3.06 13.26 10.81
N ILE A 67 2.36 14.38 10.58
CA ILE A 67 1.18 14.79 11.38
C ILE A 67 -0.04 14.78 10.45
N LYS A 68 -0.82 13.70 10.47
CA LYS A 68 -2.03 13.53 9.61
C LYS A 68 -3.25 14.04 10.36
N HIS A 69 -4.00 14.96 9.74
CA HIS A 69 -5.29 15.49 10.23
C HIS A 69 -6.42 14.84 9.44
N VAL A 70 -7.44 14.37 10.14
CA VAL A 70 -8.64 13.71 9.57
C VAL A 70 -9.85 14.43 10.17
N GLU A 71 -10.72 14.96 9.31
CA GLU A 71 -11.92 15.73 9.70
C GLU A 71 -13.01 14.73 10.14
N LYS A 72 -13.55 14.87 11.35
CA LYS A 72 -14.62 14.00 11.90
C LYS A 72 -15.78 13.89 10.89
N ASP A 73 -16.16 15.02 10.28
CA ASP A 73 -17.30 15.13 9.32
C ASP A 73 -17.02 14.31 8.05
N ARG A 74 -15.75 14.04 7.73
CA ARG A 74 -15.36 13.32 6.48
C ARG A 74 -15.08 11.84 6.74
N ILE A 75 -15.21 11.36 7.98
CA ILE A 75 -14.93 9.94 8.37
C ILE A 75 -16.19 9.10 8.12
N SER A 76 -16.06 8.01 7.36
CA SER A 76 -17.16 7.11 6.93
C SER A 76 -17.32 5.95 7.92
N ASP A 77 -16.20 5.31 8.33
CA ASP A 77 -16.18 4.06 9.15
C ASP A 77 -15.55 4.32 10.52
N TRP A 78 -16.26 3.97 11.59
CA TRP A 78 -15.82 4.16 12.99
C TRP A 78 -15.60 2.80 13.66
N GLY A 79 -14.64 2.74 14.58
CA GLY A 79 -14.33 1.54 15.37
C GLY A 79 -14.31 1.85 16.85
N GLU A 80 -14.15 0.81 17.67
CA GLU A 80 -13.92 0.91 19.14
C GLU A 80 -12.47 0.47 19.39
N LEU A 81 -11.80 1.10 20.36
CA LEU A 81 -10.43 0.71 20.81
C LEU A 81 -10.55 -0.47 21.77
N PRO A 82 -9.43 -1.12 22.17
CA PRO A 82 -9.47 -2.18 23.17
C PRO A 82 -10.12 -1.76 24.50
N ASN A 83 -10.14 -0.45 24.81
CA ASN A 83 -10.76 0.13 26.03
C ASN A 83 -12.14 0.73 25.68
N GLY A 84 -12.67 0.42 24.50
CA GLY A 84 -14.02 0.83 24.05
C GLY A 84 -14.16 2.34 23.90
N THR A 85 -13.12 3.01 23.39
CA THR A 85 -13.16 4.45 22.99
C THR A 85 -13.50 4.53 21.50
N ARG A 86 -14.44 5.41 21.13
CA ARG A 86 -14.94 5.57 19.73
C ARG A 86 -13.94 6.39 18.92
N VAL A 87 -13.22 5.74 17.99
CA VAL A 87 -12.17 6.37 17.13
C VAL A 87 -12.41 5.97 15.67
N PRO A 88 -11.75 6.62 14.70
CA PRO A 88 -11.83 6.21 13.30
C PRO A 88 -11.18 4.82 13.09
N MET A 89 -11.74 4.03 12.18
CA MET A 89 -11.23 2.68 11.83
C MET A 89 -9.71 2.78 11.55
N GLU A 90 -9.27 3.86 10.92
CA GLU A 90 -7.85 4.10 10.56
C GLU A 90 -6.96 3.90 11.80
N VAL A 91 -7.38 4.45 12.95
CA VAL A 91 -6.61 4.39 14.22
C VAL A 91 -6.59 2.96 14.75
N VAL A 92 -7.77 2.31 14.76
CA VAL A 92 -7.94 0.88 15.17
C VAL A 92 -6.94 0.03 14.38
N LEU A 93 -6.94 0.17 13.04
CA LEU A 93 -6.11 -0.66 12.13
C LEU A 93 -4.63 -0.33 12.35
N LEU A 94 -4.29 0.95 12.51
CA LEU A 94 -2.90 1.43 12.71
C LEU A 94 -2.36 0.88 14.04
N LYS A 95 -3.16 0.93 15.12
CA LYS A 95 -2.74 0.38 16.44
C LYS A 95 -2.44 -1.11 16.31
N LYS A 96 -3.29 -1.86 15.59
CA LYS A 96 -3.17 -3.33 15.41
C LYS A 96 -1.92 -3.70 14.61
N VAL A 97 -1.51 -2.89 13.63
CA VAL A 97 -0.33 -3.25 12.77
C VAL A 97 0.96 -2.60 13.30
N SER A 98 0.90 -1.84 14.40
CA SER A 98 2.07 -1.07 14.93
C SER A 98 2.86 -1.90 15.94
N SER A 99 3.03 -3.21 15.70
CA SER A 99 3.81 -4.18 16.52
C SER A 99 5.28 -3.73 16.63
N GLY A 100 6.01 -3.77 15.51
CA GLY A 100 7.48 -3.56 15.47
C GLY A 100 8.08 -3.83 14.09
N PHE A 101 7.52 -4.80 13.35
CA PHE A 101 7.78 -5.03 11.91
C PHE A 101 7.51 -3.73 11.14
N SER A 102 8.58 -3.17 10.59
CA SER A 102 8.66 -1.77 10.07
C SER A 102 8.41 -1.72 8.56
N GLY A 103 7.60 -2.65 8.03
CA GLY A 103 7.11 -2.61 6.64
C GLY A 103 5.84 -1.79 6.52
N VAL A 104 5.34 -1.30 7.66
CA VAL A 104 4.17 -0.38 7.77
C VAL A 104 4.64 0.87 8.53
N ILE A 105 4.21 2.06 8.09
CA ILE A 105 4.39 3.34 8.86
C ILE A 105 3.60 3.19 10.16
N ARG A 106 4.30 3.20 11.30
CA ARG A 106 3.73 3.01 12.66
C ARG A 106 3.07 4.29 13.14
N LEU A 107 1.93 4.16 13.82
CA LEU A 107 1.29 5.24 14.61
C LEU A 107 1.99 5.35 15.95
N LEU A 108 2.64 6.49 16.24
CA LEU A 108 3.39 6.73 17.51
C LEU A 108 2.43 7.26 18.57
N ASP A 109 1.43 8.02 18.16
CA ASP A 109 0.47 8.73 19.05
C ASP A 109 -0.70 9.23 18.22
N TRP A 110 -1.80 9.62 18.88
CA TRP A 110 -2.97 10.27 18.24
C TRP A 110 -3.64 11.21 19.26
N PHE A 111 -4.42 12.16 18.77
CA PHE A 111 -5.18 13.14 19.61
C PHE A 111 -6.59 13.29 19.02
N GLU A 112 -7.58 13.43 19.89
CA GLU A 112 -8.94 13.89 19.53
C GLU A 112 -8.99 15.41 19.71
N ARG A 113 -9.58 16.10 18.74
CA ARG A 113 -9.94 17.54 18.79
C ARG A 113 -11.46 17.63 18.56
N PRO A 114 -12.09 18.81 18.69
CA PRO A 114 -13.55 18.91 18.53
C PRO A 114 -14.08 18.36 17.21
N ASP A 115 -13.44 18.72 16.08
CA ASP A 115 -13.96 18.43 14.71
C ASP A 115 -12.97 17.57 13.92
N SER A 116 -11.90 17.06 14.55
CA SER A 116 -10.84 16.30 13.85
C SER A 116 -10.11 15.33 14.79
N PHE A 117 -9.38 14.38 14.20
CA PHE A 117 -8.35 13.53 14.85
C PHE A 117 -6.99 13.85 14.24
N VAL A 118 -5.95 13.88 15.07
CA VAL A 118 -4.55 14.11 14.67
C VAL A 118 -3.78 12.81 14.90
N LEU A 119 -3.19 12.27 13.84
CA LEU A 119 -2.37 11.03 13.87
C LEU A 119 -0.90 11.45 13.78
N ILE A 120 -0.08 10.99 14.74
CA ILE A 120 1.40 11.18 14.72
C ILE A 120 2.00 9.89 14.17
N LEU A 121 2.63 9.96 13.00
CA LEU A 121 3.19 8.79 12.28
C LEU A 121 4.70 8.98 12.14
N GLU A 122 5.44 7.89 11.97
CA GLU A 122 6.91 7.99 11.77
C GLU A 122 7.15 8.56 10.38
N ARG A 123 8.26 9.27 10.21
CA ARG A 123 8.70 9.90 8.93
C ARG A 123 10.15 9.52 8.68
N PRO A 124 10.43 8.55 7.79
CA PRO A 124 11.80 8.32 7.34
C PRO A 124 12.28 9.54 6.53
N GLU A 125 13.59 9.82 6.60
CA GLU A 125 14.27 10.88 5.82
C GLU A 125 15.65 10.36 5.41
N PRO A 126 15.98 10.33 4.10
CA PRO A 126 15.12 10.83 3.03
C PRO A 126 14.08 9.79 2.60
N VAL A 127 12.94 10.25 2.07
CA VAL A 127 11.82 9.38 1.59
C VAL A 127 11.36 9.85 0.21
N GLN A 128 10.79 8.93 -0.57
CA GLN A 128 10.03 9.22 -1.81
C GLN A 128 8.98 8.12 -1.99
N ASP A 129 7.77 8.47 -2.40
CA ASP A 129 6.71 7.45 -2.62
C ASP A 129 7.00 6.73 -3.94
N LEU A 130 6.53 5.48 -4.04
CA LEU A 130 6.87 4.56 -5.16
C LEU A 130 6.24 5.09 -6.46
N PHE A 131 5.17 5.89 -6.38
CA PHE A 131 4.53 6.48 -7.58
C PHE A 131 5.50 7.48 -8.23
N ASP A 132 6.04 8.42 -7.44
CA ASP A 132 7.01 9.45 -7.92
C ASP A 132 8.29 8.76 -8.37
N PHE A 133 8.71 7.71 -7.67
CA PHE A 133 9.94 6.95 -7.97
C PHE A 133 9.83 6.32 -9.36
N ILE A 134 8.68 5.72 -9.67
CA ILE A 134 8.41 5.06 -10.98
C ILE A 134 8.27 6.11 -12.09
N THR A 135 7.61 7.24 -11.81
CA THR A 135 7.49 8.39 -12.75
C THR A 135 8.90 8.88 -13.12
N GLU A 136 9.77 9.09 -12.13
CA GLU A 136 11.14 9.63 -12.31
C GLU A 136 12.02 8.61 -13.06
N ARG A 137 11.92 7.31 -12.74
CA ARG A 137 12.88 6.28 -13.22
C ARG A 137 12.31 5.44 -14.35
N GLY A 138 10.98 5.41 -14.54
CA GLY A 138 10.31 4.54 -15.51
C GLY A 138 10.30 3.09 -15.06
N ALA A 139 9.93 2.17 -15.96
CA ALA A 139 9.92 0.71 -15.73
C ALA A 139 11.15 0.26 -14.93
N LEU A 140 10.97 -0.32 -13.75
CA LEU A 140 12.09 -0.77 -12.88
C LEU A 140 12.70 -2.06 -13.42
N GLN A 141 14.01 -2.22 -13.28
CA GLN A 141 14.70 -3.50 -13.53
C GLN A 141 14.02 -4.59 -12.67
N GLU A 142 14.03 -5.83 -13.15
CA GLU A 142 13.32 -6.96 -12.50
C GLU A 142 13.92 -7.20 -11.11
N GLU A 143 15.24 -7.13 -10.97
CA GLU A 143 15.94 -7.28 -9.67
C GLU A 143 15.32 -6.33 -8.64
N LEU A 144 15.16 -5.05 -8.99
CA LEU A 144 14.68 -3.98 -8.07
C LEU A 144 13.19 -4.21 -7.78
N ALA A 145 12.42 -4.52 -8.82
CA ALA A 145 10.97 -4.82 -8.75
C ALA A 145 10.74 -6.03 -7.83
N ARG A 146 11.61 -7.04 -7.90
CA ARG A 146 11.56 -8.26 -7.05
C ARG A 146 11.72 -7.87 -5.58
N SER A 147 12.72 -7.05 -5.27
CA SER A 147 13.04 -6.61 -3.88
C SER A 147 11.83 -5.84 -3.32
N PHE A 148 11.36 -4.84 -4.07
CA PHE A 148 10.24 -3.95 -3.67
C PHE A 148 8.94 -4.75 -3.48
N PHE A 149 8.58 -5.58 -4.47
CA PHE A 149 7.35 -6.41 -4.46
C PHE A 149 7.38 -7.38 -3.28
N TRP A 150 8.54 -8.01 -3.06
CA TRP A 150 8.75 -8.90 -1.89
C TRP A 150 8.48 -8.14 -0.59
N GLN A 151 9.06 -6.96 -0.41
CA GLN A 151 8.89 -6.18 0.84
C GLN A 151 7.40 -5.83 1.02
N VAL A 152 6.72 -5.44 -0.05
CA VAL A 152 5.27 -5.09 -0.02
C VAL A 152 4.47 -6.33 0.41
N LEU A 153 4.78 -7.49 -0.15
CA LEU A 153 4.16 -8.79 0.21
C LEU A 153 4.34 -9.08 1.71
N GLU A 154 5.54 -8.89 2.25
CA GLU A 154 5.83 -9.10 3.69
C GLU A 154 4.98 -8.13 4.52
N ALA A 155 4.82 -6.89 4.07
CA ALA A 155 4.04 -5.84 4.79
C ALA A 155 2.55 -6.19 4.75
N VAL A 156 2.04 -6.68 3.62
CA VAL A 156 0.59 -7.01 3.50
C VAL A 156 0.28 -8.27 4.32
N ARG A 157 1.19 -9.25 4.34
CA ARG A 157 1.07 -10.47 5.20
C ARG A 157 1.01 -10.06 6.67
N HIS A 158 1.90 -9.15 7.09
CA HIS A 158 1.93 -8.58 8.46
C HIS A 158 0.54 -8.00 8.78
N CYS A 159 -0.02 -7.18 7.90
CA CYS A 159 -1.37 -6.60 8.07
C CYS A 159 -2.37 -7.73 8.30
N HIS A 160 -2.38 -8.75 7.44
CA HIS A 160 -3.32 -9.90 7.50
C HIS A 160 -3.13 -10.67 8.82
N ASN A 161 -1.88 -10.89 9.23
CA ASN A 161 -1.50 -11.58 10.50
C ASN A 161 -2.09 -10.83 11.70
N CYS A 162 -2.22 -9.49 11.62
CA CYS A 162 -2.75 -8.61 12.70
C CYS A 162 -4.25 -8.37 12.52
N GLY A 163 -4.90 -9.01 11.54
CA GLY A 163 -6.36 -8.92 11.34
C GLY A 163 -6.79 -7.68 10.59
N VAL A 164 -5.87 -7.07 9.81
CA VAL A 164 -6.10 -5.79 9.09
C VAL A 164 -6.03 -6.06 7.58
N LEU A 165 -7.05 -5.59 6.84
CA LEU A 165 -7.09 -5.57 5.35
C LEU A 165 -6.92 -4.12 4.89
N HIS A 166 -5.86 -3.82 4.13
CA HIS A 166 -5.49 -2.44 3.71
C HIS A 166 -6.53 -1.89 2.71
N ARG A 167 -6.84 -2.65 1.65
CA ARG A 167 -7.86 -2.35 0.61
C ARG A 167 -7.45 -1.16 -0.30
N ASP A 168 -6.24 -0.62 -0.18
CA ASP A 168 -5.79 0.45 -1.11
C ASP A 168 -4.29 0.29 -1.38
N ILE A 169 -3.86 -0.93 -1.72
CA ILE A 169 -2.45 -1.21 -2.10
C ILE A 169 -2.23 -0.58 -3.47
N LYS A 170 -1.31 0.38 -3.56
CA LYS A 170 -0.88 0.99 -4.84
C LYS A 170 0.45 1.71 -4.60
N ASP A 171 1.13 2.14 -5.67
CA ASP A 171 2.47 2.79 -5.61
C ASP A 171 2.36 4.08 -4.79
N GLU A 172 1.22 4.77 -4.82
CA GLU A 172 0.98 6.04 -4.08
C GLU A 172 0.99 5.78 -2.57
N ASN A 173 0.62 4.58 -2.12
CA ASN A 173 0.48 4.23 -0.67
C ASN A 173 1.70 3.43 -0.19
N ILE A 174 2.86 3.59 -0.84
CA ILE A 174 4.13 2.93 -0.47
C ILE A 174 5.25 3.97 -0.46
N LEU A 175 5.89 4.17 0.70
CA LEU A 175 7.05 5.07 0.88
C LEU A 175 8.34 4.26 0.75
N ILE A 176 9.36 4.83 0.11
CA ILE A 176 10.73 4.26 0.06
C ILE A 176 11.63 5.07 1.01
N ASP A 177 12.17 4.40 2.04
CA ASP A 177 13.36 4.87 2.81
C ASP A 177 14.58 4.62 1.93
N LEU A 178 15.11 5.67 1.31
CA LEU A 178 16.13 5.59 0.22
C LEU A 178 17.49 5.10 0.78
N ASN A 179 17.78 5.35 2.06
CA ASN A 179 19.08 4.96 2.69
C ASN A 179 19.04 3.49 3.09
N ARG A 180 17.91 3.02 3.62
CA ARG A 180 17.75 1.65 4.18
C ARG A 180 17.23 0.69 3.09
N GLY A 181 16.68 1.22 1.99
CA GLY A 181 16.02 0.41 0.94
C GLY A 181 14.85 -0.39 1.47
N GLU A 182 14.12 0.18 2.45
CA GLU A 182 12.92 -0.42 3.10
C GLU A 182 11.67 0.30 2.58
N LEU A 183 10.68 -0.45 2.08
CA LEU A 183 9.35 0.09 1.72
C LEU A 183 8.42 0.07 2.95
N LYS A 184 7.51 1.04 3.03
CA LYS A 184 6.55 1.17 4.16
C LYS A 184 5.15 1.50 3.61
N LEU A 185 4.16 0.67 3.97
CA LEU A 185 2.73 0.90 3.64
C LEU A 185 2.22 2.12 4.40
N ILE A 186 1.36 2.93 3.75
CA ILE A 186 0.66 4.09 4.37
C ILE A 186 -0.82 4.08 3.97
N ASP A 187 -1.58 4.95 4.64
CA ASP A 187 -3.01 5.28 4.37
C ASP A 187 -3.89 4.03 4.53
N PHE A 188 -4.31 3.76 5.76
CA PHE A 188 -5.30 2.71 6.12
C PHE A 188 -6.72 3.28 6.14
N GLY A 189 -6.92 4.50 5.65
CA GLY A 189 -8.21 5.22 5.69
C GLY A 189 -9.33 4.54 4.91
N SER A 190 -9.00 3.61 3.99
CA SER A 190 -9.97 2.80 3.21
C SER A 190 -9.96 1.35 3.72
N GLY A 191 -9.26 1.09 4.82
CA GLY A 191 -9.04 -0.27 5.35
C GLY A 191 -10.25 -0.84 6.05
N ALA A 192 -10.12 -2.06 6.57
CA ALA A 192 -11.14 -2.75 7.38
C ALA A 192 -10.46 -3.88 8.14
N LEU A 193 -11.10 -4.33 9.23
CA LEU A 193 -10.79 -5.62 9.89
C LEU A 193 -10.82 -6.71 8.82
N LEU A 194 -9.83 -7.59 8.79
CA LEU A 194 -9.82 -8.77 7.89
C LEU A 194 -10.95 -9.71 8.33
N LYS A 195 -11.79 -10.17 7.39
CA LYS A 195 -12.78 -11.25 7.62
C LYS A 195 -12.70 -12.22 6.43
N ASP A 196 -13.16 -13.45 6.63
CA ASP A 196 -13.16 -14.53 5.60
C ASP A 196 -14.48 -14.49 4.82
N THR A 197 -15.43 -13.64 5.23
CA THR A 197 -16.76 -13.48 4.59
C THR A 197 -16.69 -12.31 3.59
N VAL A 198 -17.72 -12.17 2.76
CA VAL A 198 -17.71 -11.28 1.56
C VAL A 198 -17.77 -9.82 2.03
N TYR A 199 -17.07 -8.94 1.32
CA TYR A 199 -17.16 -7.46 1.46
C TYR A 199 -18.10 -6.93 0.37
N THR A 200 -19.00 -6.00 0.72
CA THR A 200 -19.95 -5.35 -0.23
C THR A 200 -19.72 -3.83 -0.26
N ASP A 201 -18.74 -3.32 0.48
CA ASP A 201 -18.31 -1.88 0.50
C ASP A 201 -16.84 -1.80 0.05
N PHE A 202 -16.43 -0.64 -0.49
CA PHE A 202 -15.07 -0.35 -1.01
C PHE A 202 -14.92 1.16 -1.23
N ASP A 203 -13.90 1.78 -0.65
CA ASP A 203 -13.56 3.23 -0.84
C ASP A 203 -12.12 3.34 -1.36
N GLY A 204 -11.61 2.29 -1.99
CA GLY A 204 -10.21 2.22 -2.46
C GLY A 204 -10.07 2.82 -3.84
N THR A 205 -8.94 2.59 -4.51
CA THR A 205 -8.65 3.08 -5.88
C THR A 205 -9.27 2.10 -6.88
N ARG A 206 -10.19 2.59 -7.72
CA ARG A 206 -10.97 1.77 -8.68
C ARG A 206 -10.03 1.01 -9.63
N VAL A 207 -8.97 1.66 -10.13
CA VAL A 207 -8.07 1.09 -11.19
C VAL A 207 -7.24 -0.06 -10.60
N TYR A 208 -7.21 -0.22 -9.27
CA TYR A 208 -6.55 -1.35 -8.56
C TYR A 208 -7.60 -2.34 -8.02
N SER A 209 -8.89 -2.03 -8.14
CA SER A 209 -10.02 -2.89 -7.68
C SER A 209 -10.20 -4.06 -8.64
N PRO A 210 -10.67 -5.24 -8.17
CA PRO A 210 -10.75 -6.43 -9.02
C PRO A 210 -12.03 -6.51 -9.85
N PRO A 211 -12.09 -7.42 -10.85
CA PRO A 211 -13.25 -7.57 -11.73
C PRO A 211 -14.57 -7.83 -10.98
N GLU A 212 -14.53 -8.65 -9.94
CA GLU A 212 -15.71 -9.07 -9.16
C GLU A 212 -16.31 -7.86 -8.44
N TRP A 213 -15.51 -6.83 -8.11
CA TRP A 213 -16.02 -5.57 -7.49
C TRP A 213 -16.75 -4.75 -8.56
N ILE A 214 -16.08 -4.50 -9.69
CA ILE A 214 -16.63 -3.74 -10.85
C ILE A 214 -18.00 -4.32 -11.23
N ARG A 215 -18.08 -5.65 -11.39
CA ARG A 215 -19.26 -6.39 -11.92
C ARG A 215 -20.37 -6.51 -10.85
N TYR A 216 -20.02 -7.01 -9.65
CA TYR A 216 -21.00 -7.53 -8.67
C TYR A 216 -20.99 -6.77 -7.33
N HIS A 217 -20.09 -5.80 -7.14
CA HIS A 217 -19.95 -5.05 -5.86
C HIS A 217 -19.73 -6.04 -4.71
N ARG A 218 -18.86 -7.02 -4.93
CA ARG A 218 -18.65 -8.23 -4.09
C ARG A 218 -17.21 -8.70 -4.25
N TYR A 219 -16.50 -8.94 -3.14
CA TYR A 219 -15.11 -9.50 -3.16
C TYR A 219 -14.78 -10.08 -1.78
N HIS A 220 -13.73 -10.90 -1.74
CA HIS A 220 -13.05 -11.38 -0.51
C HIS A 220 -11.69 -10.69 -0.40
N GLY A 221 -11.26 -10.40 0.83
CA GLY A 221 -10.10 -9.55 1.13
C GLY A 221 -8.83 -10.04 0.46
N ARG A 222 -8.49 -11.31 0.67
CA ARG A 222 -7.18 -11.89 0.26
C ARG A 222 -7.08 -11.88 -1.27
N SER A 223 -8.10 -12.39 -1.96
CA SER A 223 -8.09 -12.54 -3.44
C SER A 223 -8.16 -11.14 -4.08
N ALA A 224 -8.87 -10.20 -3.46
CA ALA A 224 -8.89 -8.78 -3.89
C ALA A 224 -7.48 -8.17 -3.73
N ALA A 225 -6.82 -8.41 -2.60
CA ALA A 225 -5.44 -7.89 -2.32
C ALA A 225 -4.46 -8.44 -3.36
N VAL A 226 -4.58 -9.72 -3.70
CA VAL A 226 -3.69 -10.37 -4.71
C VAL A 226 -3.89 -9.67 -6.07
N TRP A 227 -5.13 -9.33 -6.42
CA TRP A 227 -5.43 -8.61 -7.69
C TRP A 227 -4.66 -7.29 -7.70
N SER A 228 -4.81 -6.47 -6.66
CA SER A 228 -4.16 -5.14 -6.54
C SER A 228 -2.64 -5.29 -6.63
N LEU A 229 -2.10 -6.39 -6.11
CA LEU A 229 -0.64 -6.66 -6.12
C LEU A 229 -0.20 -7.04 -7.54
N GLY A 230 -1.09 -7.68 -8.32
CA GLY A 230 -0.89 -7.92 -9.77
C GLY A 230 -0.74 -6.60 -10.52
N ILE A 231 -1.66 -5.67 -10.29
CA ILE A 231 -1.64 -4.28 -10.86
C ILE A 231 -0.30 -3.64 -10.46
N LEU A 232 0.05 -3.69 -9.17
CA LEU A 232 1.27 -3.06 -8.61
C LEU A 232 2.51 -3.61 -9.33
N LEU A 233 2.58 -4.93 -9.54
CA LEU A 233 3.78 -5.58 -10.11
C LEU A 233 3.91 -5.17 -11.58
N TYR A 234 2.80 -5.20 -12.32
CA TYR A 234 2.74 -4.72 -13.72
C TYR A 234 3.29 -3.29 -13.74
N ASP A 235 2.72 -2.43 -12.89
CA ASP A 235 3.10 -1.01 -12.72
C ASP A 235 4.61 -0.89 -12.50
N MET A 236 5.22 -1.76 -11.71
CA MET A 236 6.67 -1.68 -11.38
C MET A 236 7.51 -2.01 -12.64
N VAL A 237 7.17 -3.07 -13.38
CA VAL A 237 8.04 -3.61 -14.46
C VAL A 237 7.71 -2.94 -15.80
N CYS A 238 6.53 -2.32 -15.91
CA CYS A 238 6.04 -1.70 -17.18
C CYS A 238 6.01 -0.17 -17.09
N GLY A 239 6.14 0.39 -15.89
CA GLY A 239 6.26 1.86 -15.70
C GLY A 239 4.92 2.52 -15.54
N ASP A 240 3.81 1.80 -15.72
CA ASP A 240 2.46 2.30 -15.40
C ASP A 240 1.48 1.14 -15.23
N ILE A 241 0.32 1.40 -14.64
CA ILE A 241 -0.74 0.38 -14.37
C ILE A 241 -1.29 -0.08 -15.72
N PRO A 242 -1.76 -1.35 -15.82
CA PRO A 242 -2.23 -1.87 -17.11
C PRO A 242 -3.61 -1.31 -17.53
N PHE A 243 -4.53 -1.12 -16.57
CA PHE A 243 -5.96 -0.79 -16.83
C PHE A 243 -6.31 0.61 -16.33
N GLU A 244 -7.07 1.35 -17.14
CA GLU A 244 -7.64 2.68 -16.78
C GLU A 244 -9.17 2.59 -16.71
N HIS A 245 -9.81 1.74 -17.53
CA HIS A 245 -11.29 1.69 -17.68
C HIS A 245 -11.84 0.35 -17.18
N ASP A 246 -13.10 0.36 -16.75
CA ASP A 246 -13.84 -0.83 -16.26
C ASP A 246 -13.76 -1.95 -17.29
N GLU A 247 -13.89 -1.61 -18.57
CA GLU A 247 -13.91 -2.55 -19.71
C GLU A 247 -12.61 -3.36 -19.69
N GLU A 248 -11.49 -2.70 -19.44
CA GLU A 248 -10.14 -3.32 -19.41
C GLU A 248 -10.01 -4.21 -18.16
N ILE A 249 -10.49 -3.73 -17.00
CA ILE A 249 -10.41 -4.46 -15.71
C ILE A 249 -11.12 -5.81 -15.85
N ILE A 250 -12.37 -5.81 -16.34
CA ILE A 250 -13.23 -7.04 -16.42
C ILE A 250 -12.84 -7.86 -17.66
N GLY A 251 -12.19 -7.23 -18.64
CA GLY A 251 -11.72 -7.87 -19.88
C GLY A 251 -10.73 -9.00 -19.62
N GLY A 252 -9.80 -8.81 -18.69
CA GLY A 252 -8.77 -9.81 -18.34
C GLY A 252 -7.85 -10.14 -19.52
N GLN A 253 -7.47 -9.13 -20.29
CA GLN A 253 -6.35 -9.21 -21.27
C GLN A 253 -5.22 -8.33 -20.74
N VAL A 254 -4.02 -8.91 -20.59
CA VAL A 254 -2.83 -8.19 -20.08
C VAL A 254 -1.80 -8.10 -21.20
N PHE A 255 -1.63 -6.90 -21.75
CA PHE A 255 -0.62 -6.57 -22.79
C PHE A 255 0.58 -5.93 -22.09
N PHE A 256 1.77 -6.49 -22.29
CA PHE A 256 3.06 -5.97 -21.74
C PHE A 256 3.61 -4.95 -22.72
N ARG A 257 3.70 -3.69 -22.28
CA ARG A 257 4.14 -2.52 -23.10
C ARG A 257 5.67 -2.40 -23.02
N GLN A 258 6.31 -3.20 -22.17
CA GLN A 258 7.76 -3.20 -21.89
C GLN A 258 8.27 -4.65 -21.87
N ARG A 259 9.56 -4.85 -22.12
CA ARG A 259 10.21 -6.19 -22.02
CA ARG A 259 10.23 -6.18 -22.01
C ARG A 259 10.08 -6.70 -20.58
N VAL A 260 9.38 -7.83 -20.40
CA VAL A 260 9.17 -8.50 -19.09
C VAL A 260 9.42 -9.99 -19.29
N SER A 261 10.26 -10.59 -18.43
CA SER A 261 10.60 -12.03 -18.45
C SER A 261 9.30 -12.84 -18.41
N SER A 262 9.34 -14.06 -18.94
CA SER A 262 8.19 -14.99 -18.99
C SER A 262 7.75 -15.38 -17.57
N GLU A 263 8.71 -15.54 -16.65
CA GLU A 263 8.45 -15.94 -15.24
C GLU A 263 7.63 -14.81 -14.58
N CYS A 264 8.06 -13.56 -14.73
CA CYS A 264 7.37 -12.37 -14.18
C CYS A 264 6.02 -12.14 -14.88
N GLN A 265 5.92 -12.41 -16.19
CA GLN A 265 4.63 -12.27 -16.93
C GLN A 265 3.62 -13.26 -16.34
N HIS A 266 4.07 -14.50 -16.08
CA HIS A 266 3.24 -15.60 -15.55
C HIS A 266 2.68 -15.20 -14.18
N LEU A 267 3.54 -14.76 -13.26
CA LEU A 267 3.12 -14.30 -11.92
C LEU A 267 2.05 -13.21 -12.05
N ILE A 268 2.27 -12.19 -12.89
CA ILE A 268 1.31 -11.06 -13.08
C ILE A 268 -0.01 -11.58 -13.63
N ARG A 269 0.03 -12.42 -14.67
CA ARG A 269 -1.19 -13.01 -15.29
C ARG A 269 -1.96 -13.80 -14.22
N TRP A 270 -1.24 -14.56 -13.38
CA TRP A 270 -1.85 -15.42 -12.32
C TRP A 270 -2.55 -14.55 -11.28
N CYS A 271 -1.90 -13.49 -10.79
CA CYS A 271 -2.47 -12.52 -9.83
C CYS A 271 -3.71 -11.83 -10.42
N LEU A 272 -3.74 -11.67 -11.75
CA LEU A 272 -4.81 -10.92 -12.46
C LEU A 272 -5.78 -11.90 -13.16
N ALA A 273 -5.82 -13.17 -12.73
CA ALA A 273 -6.90 -14.12 -13.09
C ALA A 273 -8.26 -13.48 -12.80
N LEU A 274 -9.20 -13.56 -13.74
CA LEU A 274 -10.57 -12.97 -13.62
C LEU A 274 -11.31 -13.60 -12.43
N ARG A 275 -11.25 -14.92 -12.28
CA ARG A 275 -11.99 -15.65 -11.21
C ARG A 275 -11.12 -15.66 -9.95
N PRO A 276 -11.60 -15.07 -8.84
CA PRO A 276 -10.83 -14.97 -7.60
C PRO A 276 -10.13 -16.28 -7.18
N SER A 277 -10.85 -17.40 -7.23
CA SER A 277 -10.40 -18.75 -6.83
C SER A 277 -9.17 -19.19 -7.66
N ASP A 278 -8.98 -18.64 -8.87
CA ASP A 278 -7.84 -18.98 -9.78
C ASP A 278 -6.60 -18.15 -9.42
N ARG A 279 -6.73 -17.12 -8.59
CA ARG A 279 -5.59 -16.28 -8.15
C ARG A 279 -4.71 -17.09 -7.20
N PRO A 280 -3.39 -16.81 -7.14
CA PRO A 280 -2.51 -17.49 -6.21
C PRO A 280 -2.75 -17.00 -4.78
N THR A 281 -2.41 -17.84 -3.81
CA THR A 281 -2.27 -17.46 -2.38
C THR A 281 -0.97 -16.67 -2.24
N PHE A 282 -0.81 -15.93 -1.14
CA PHE A 282 0.45 -15.24 -0.78
C PHE A 282 1.60 -16.27 -0.77
N GLU A 283 1.32 -17.50 -0.32
CA GLU A 283 2.31 -18.61 -0.30
C GLU A 283 2.78 -18.91 -1.73
N GLU A 284 1.84 -19.08 -2.66
CA GLU A 284 2.13 -19.45 -4.07
C GLU A 284 2.88 -18.30 -4.79
N ILE A 285 2.59 -17.05 -4.44
CA ILE A 285 3.32 -15.87 -4.97
C ILE A 285 4.78 -15.96 -4.51
N GLN A 286 5.01 -16.08 -3.21
CA GLN A 286 6.37 -15.98 -2.63
C GLN A 286 7.18 -17.25 -2.95
N ASN A 287 6.53 -18.34 -3.36
CA ASN A 287 7.18 -19.59 -3.85
C ASN A 287 7.33 -19.59 -5.38
N HIS A 288 6.76 -18.60 -6.08
CA HIS A 288 6.87 -18.48 -7.56
C HIS A 288 8.35 -18.38 -7.95
N PRO A 289 8.80 -19.06 -9.01
CA PRO A 289 10.19 -18.96 -9.46
C PRO A 289 10.72 -17.53 -9.61
N TRP A 290 9.87 -16.58 -10.01
CA TRP A 290 10.29 -15.18 -10.26
C TRP A 290 10.74 -14.53 -8.95
N MET A 291 10.23 -14.98 -7.81
CA MET A 291 10.39 -14.29 -6.49
C MET A 291 11.64 -14.79 -5.74
N GLN A 292 12.37 -15.77 -6.27
CA GLN A 292 13.52 -16.43 -5.56
C GLN A 292 14.76 -15.54 -5.63
N ASP A 293 15.63 -15.69 -4.63
CA ASP A 293 16.94 -15.00 -4.51
C ASP A 293 16.71 -13.48 -4.40
N VAL A 294 15.73 -13.04 -3.62
CA VAL A 294 15.44 -11.59 -3.41
C VAL A 294 16.68 -10.91 -2.80
N LEU A 295 16.89 -9.64 -3.14
CA LEU A 295 17.90 -8.77 -2.48
C LEU A 295 17.41 -8.41 -1.09
N LEU A 296 18.33 -8.27 -0.13
CA LEU A 296 18.04 -7.70 1.21
C LEU A 296 17.87 -6.19 1.06
N PRO A 297 17.08 -5.55 1.95
CA PRO A 297 16.88 -4.10 1.88
C PRO A 297 18.15 -3.27 1.63
N GLN A 298 19.22 -3.51 2.42
CA GLN A 298 20.52 -2.76 2.37
C GLN A 298 21.21 -3.01 1.02
N GLU A 299 21.21 -4.26 0.54
CA GLU A 299 21.71 -4.61 -0.83
C GLU A 299 20.97 -3.77 -1.87
N THR A 300 19.64 -3.65 -1.73
CA THR A 300 18.76 -2.91 -2.68
C THR A 300 19.10 -1.42 -2.66
N ALA A 301 19.37 -0.86 -1.48
CA ALA A 301 19.75 0.56 -1.31
C ALA A 301 21.11 0.80 -1.97
N GLU A 302 22.09 -0.06 -1.69
CA GLU A 302 23.50 0.07 -2.15
C GLU A 302 23.54 0.01 -3.68
N ILE A 303 22.85 -0.98 -4.27
CA ILE A 303 22.90 -1.28 -5.72
C ILE A 303 22.00 -0.32 -6.51
N HIS A 304 20.82 0.05 -5.99
CA HIS A 304 19.74 0.70 -6.80
C HIS A 304 19.39 2.12 -6.36
N LEU A 305 19.67 2.52 -5.12
CA LEU A 305 19.15 3.81 -4.57
C LEU A 305 20.30 4.80 -4.26
N HIS A 306 21.49 4.31 -3.88
CA HIS A 306 22.69 5.16 -3.61
C HIS A 306 23.40 5.47 -4.93
N ARG B 2 1.10 7.00 -23.57
CA ARG B 2 -0.02 7.17 -22.60
C ARG B 2 0.39 8.23 -21.58
N LYS B 3 -0.52 8.60 -20.66
CA LYS B 3 -0.30 9.64 -19.62
C LYS B 3 -0.45 8.99 -18.24
N ARG B 4 0.65 8.92 -17.48
CA ARG B 4 0.69 8.31 -16.13
C ARG B 4 0.18 9.33 -15.13
N ARG B 5 -0.74 8.92 -14.25
CA ARG B 5 -1.35 9.85 -13.28
C ARG B 5 -1.77 9.12 -12.01
N ARG B 6 -1.94 9.87 -10.92
CA ARG B 6 -2.51 9.41 -9.64
C ARG B 6 -4.01 9.16 -9.85
N HIS B 7 -4.62 8.35 -8.99
CA HIS B 7 -6.08 8.06 -8.98
C HIS B 7 -6.56 8.12 -7.53
N PRO B 8 -7.60 8.93 -7.22
CA PRO B 8 -8.05 9.09 -5.84
C PRO B 8 -8.77 7.87 -5.23
N SER B 9 -8.87 7.84 -3.90
CA SER B 9 -9.50 6.77 -3.09
C SER B 9 -10.96 7.14 -2.79
#